data_1EAF
#
_entry.id   1EAF
#
_cell.length_a   224.770
_cell.length_b   224.770
_cell.length_c   224.770
_cell.angle_alpha   90.00
_cell.angle_beta   90.00
_cell.angle_gamma   90.00
#
_symmetry.space_group_name_H-M   'F 4 3 2'
#
loop_
_entity.id
_entity.type
_entity.pdbx_description
1 polymer DIHYDROLIPOYL-TRANSACETYLASE
2 non-polymer 'SULFITE ION'
3 water water
#
_entity_poly.entity_id   1
_entity_poly.type   'polypeptide(L)'
_entity_poly.pdbx_seq_one_letter_code
;IPPIPPVDFAKYGEIEEVPMTRLMQIGATNLHRSWLNVPHVTQFESADITELEAFRVAQKAVAKKAGVKLTVLPLLLKAC
AYLLKELPDFNSSLAPSGQALIRKKYVHIGFAVDTPDGLLVPVIRNVDQKSLLQLAAEAAELAEKARSKKLGADAMQGAC
FTISSLGHIGGTAFTPIVNAPEVAILGVSKASMQPVWDGKAFQPRLMLPLSLSYDHRVINGAAAARFTKRLGDLLADIRA
ILL
;
_entity_poly.pdbx_strand_id   A
#
# COMPACT_ATOMS: atom_id res chain seq x y z
N ILE A 1 15.26 24.18 9.22
CA ILE A 1 13.98 23.74 9.78
C ILE A 1 14.07 24.14 11.25
N PRO A 2 13.19 25.01 11.68
CA PRO A 2 13.18 25.50 13.07
C PRO A 2 12.91 24.28 13.96
N PRO A 3 13.54 24.11 15.09
CA PRO A 3 13.24 22.99 15.98
C PRO A 3 12.08 23.24 16.90
N ILE A 4 11.44 22.20 17.44
CA ILE A 4 10.40 22.45 18.40
C ILE A 4 11.14 22.79 19.72
N PRO A 5 10.82 23.93 20.36
CA PRO A 5 11.27 24.27 21.71
C PRO A 5 11.05 23.16 22.72
N PRO A 6 12.01 22.82 23.61
CA PRO A 6 11.81 21.86 24.69
C PRO A 6 10.93 22.50 25.76
N VAL A 7 10.14 21.60 26.32
CA VAL A 7 9.13 21.95 27.31
C VAL A 7 9.41 21.07 28.52
N ASP A 8 9.36 21.58 29.72
CA ASP A 8 9.52 20.78 30.92
C ASP A 8 8.15 20.13 31.07
N PHE A 9 7.91 18.92 30.54
CA PHE A 9 6.59 18.30 30.62
C PHE A 9 6.16 17.94 32.04
N ALA A 10 7.15 17.76 32.95
CA ALA A 10 6.87 17.41 34.31
C ALA A 10 6.31 18.59 35.06
N LYS A 11 6.26 19.82 34.54
CA LYS A 11 5.59 20.89 35.26
C LYS A 11 4.10 20.70 35.33
N TYR A 12 3.56 19.82 34.47
CA TYR A 12 2.13 19.69 34.38
C TYR A 12 1.62 18.43 35.02
N GLY A 13 2.49 17.60 35.54
CA GLY A 13 2.10 16.37 36.15
C GLY A 13 3.25 15.42 35.96
N GLU A 14 2.98 14.20 36.28
CA GLU A 14 3.94 13.13 36.27
C GLU A 14 4.27 12.61 34.89
N ILE A 15 5.53 12.36 34.56
CA ILE A 15 5.91 11.87 33.25
C ILE A 15 6.77 10.62 33.43
N GLU A 16 6.98 9.89 32.35
CA GLU A 16 7.70 8.64 32.34
C GLU A 16 8.41 8.64 30.99
N GLU A 17 9.70 8.43 30.95
CA GLU A 17 10.44 8.51 29.71
C GLU A 17 10.61 7.07 29.25
N VAL A 18 10.31 6.65 28.02
CA VAL A 18 10.51 5.25 27.61
C VAL A 18 11.29 5.39 26.34
N PRO A 19 12.23 4.53 25.99
CA PRO A 19 13.07 4.72 24.84
C PRO A 19 12.45 4.19 23.57
N MET A 20 12.92 4.74 22.47
CA MET A 20 12.45 4.30 21.19
C MET A 20 13.32 3.16 20.69
N THR A 21 12.74 2.13 20.05
CA THR A 21 13.58 1.09 19.50
C THR A 21 14.38 1.68 18.34
N ARG A 22 15.43 1.00 17.94
CA ARG A 22 16.18 1.41 16.77
C ARG A 22 15.34 1.43 15.49
N LEU A 23 14.42 0.46 15.34
CA LEU A 23 13.54 0.38 14.18
C LEU A 23 12.67 1.63 14.14
N MET A 24 12.13 2.06 15.30
CA MET A 24 11.28 3.25 15.36
C MET A 24 12.11 4.45 14.99
N GLN A 25 13.39 4.48 15.40
CA GLN A 25 14.24 5.59 15.05
C GLN A 25 14.64 5.63 13.57
N ILE A 26 14.92 4.48 12.93
CA ILE A 26 15.22 4.41 11.50
C ILE A 26 13.99 4.95 10.77
N GLY A 27 12.83 4.40 11.13
CA GLY A 27 11.54 4.75 10.57
C GLY A 27 11.28 6.23 10.71
N ALA A 28 11.47 6.84 11.88
CA ALA A 28 11.19 8.25 12.11
C ALA A 28 11.98 9.10 11.13
N THR A 29 13.26 8.74 10.99
CA THR A 29 14.16 9.41 10.06
C THR A 29 13.77 9.22 8.60
N ASN A 30 13.42 8.03 8.12
CA ASN A 30 13.05 7.90 6.73
C ASN A 30 11.76 8.66 6.44
N LEU A 31 10.78 8.64 7.38
CA LEU A 31 9.50 9.31 7.19
C LEU A 31 9.67 10.80 7.13
N HIS A 32 10.49 11.33 8.01
CA HIS A 32 10.72 12.74 7.97
C HIS A 32 11.48 13.12 6.71
N ARG A 33 12.37 12.27 6.17
CA ARG A 33 13.11 12.54 4.94
C ARG A 33 12.16 12.57 3.74
N SER A 34 11.25 11.56 3.63
CA SER A 34 10.23 11.58 2.61
C SER A 34 9.33 12.78 2.68
N TRP A 35 8.87 13.12 3.89
CA TRP A 35 7.97 14.24 4.11
C TRP A 35 8.49 15.56 3.54
N LEU A 36 9.77 15.82 3.79
CA LEU A 36 10.35 17.09 3.36
C LEU A 36 10.74 17.05 1.89
N ASN A 37 11.09 15.91 1.32
CA ASN A 37 11.46 15.83 -0.08
C ASN A 37 10.36 15.71 -1.09
N VAL A 38 9.26 15.05 -0.76
CA VAL A 38 8.15 14.77 -1.67
C VAL A 38 6.97 15.75 -1.43
N PRO A 39 6.60 16.63 -2.34
CA PRO A 39 5.32 17.32 -2.34
C PRO A 39 4.20 16.29 -2.57
N HIS A 40 3.51 15.96 -1.48
CA HIS A 40 2.50 14.90 -1.43
C HIS A 40 1.11 15.31 -1.89
N VAL A 41 0.38 14.52 -2.69
CA VAL A 41 -1.05 14.72 -2.83
C VAL A 41 -1.69 13.38 -2.55
N THR A 42 -2.86 13.29 -1.95
CA THR A 42 -3.56 12.03 -1.86
C THR A 42 -4.79 12.09 -2.74
N GLN A 43 -5.02 11.07 -3.56
CA GLN A 43 -6.19 10.96 -4.39
C GLN A 43 -7.04 9.85 -3.80
N PHE A 44 -8.29 10.10 -3.47
CA PHE A 44 -9.16 9.09 -2.87
C PHE A 44 -10.05 8.47 -3.94
N GLU A 45 -10.51 7.23 -3.83
CA GLU A 45 -11.38 6.55 -4.78
C GLU A 45 -12.08 5.42 -4.04
N SER A 46 -13.24 4.91 -4.46
CA SER A 46 -13.84 3.74 -3.83
C SER A 46 -13.99 2.70 -4.90
N ALA A 47 -13.61 1.46 -4.66
CA ALA A 47 -13.73 0.40 -5.66
C ALA A 47 -14.87 -0.52 -5.29
N ASP A 48 -15.68 -0.95 -6.24
CA ASP A 48 -16.76 -1.84 -5.91
C ASP A 48 -16.18 -3.23 -5.88
N ILE A 49 -16.09 -3.85 -4.71
CA ILE A 49 -15.50 -5.15 -4.68
C ILE A 49 -16.54 -6.22 -4.37
N THR A 50 -17.82 -6.08 -4.69
CA THR A 50 -18.84 -7.10 -4.36
C THR A 50 -18.53 -8.47 -4.96
N GLU A 51 -18.20 -8.49 -6.23
CA GLU A 51 -17.94 -9.75 -6.90
C GLU A 51 -16.62 -10.35 -6.51
N LEU A 52 -15.62 -9.48 -6.30
CA LEU A 52 -14.30 -9.85 -5.91
C LEU A 52 -14.37 -10.50 -4.54
N GLU A 53 -15.20 -9.99 -3.65
CA GLU A 53 -15.38 -10.62 -2.38
C GLU A 53 -16.04 -11.99 -2.48
N ALA A 54 -17.06 -12.15 -3.34
CA ALA A 54 -17.71 -13.41 -3.60
C ALA A 54 -16.70 -14.41 -4.13
N PHE A 55 -15.83 -14.03 -5.07
CA PHE A 55 -14.78 -14.91 -5.55
C PHE A 55 -13.89 -15.36 -4.41
N ARG A 56 -13.41 -14.44 -3.59
CA ARG A 56 -12.47 -14.73 -2.51
C ARG A 56 -12.95 -15.77 -1.52
N VAL A 57 -14.21 -15.57 -1.18
CA VAL A 57 -14.95 -16.44 -0.29
C VAL A 57 -15.23 -17.78 -0.97
N ALA A 58 -15.75 -17.86 -2.19
CA ALA A 58 -15.90 -19.12 -2.87
C ALA A 58 -14.59 -19.89 -3.08
N GLN A 59 -13.38 -19.31 -3.06
CA GLN A 59 -12.14 -20.08 -3.17
C GLN A 59 -11.58 -20.42 -1.82
N LYS A 60 -12.32 -20.28 -0.72
CA LYS A 60 -11.79 -20.59 0.59
C LYS A 60 -11.19 -21.99 0.72
N ALA A 61 -11.81 -23.04 0.18
CA ALA A 61 -11.25 -24.38 0.30
C ALA A 61 -10.02 -24.65 -0.58
N VAL A 62 -9.93 -24.12 -1.81
CA VAL A 62 -8.74 -24.25 -2.66
C VAL A 62 -7.56 -23.55 -1.96
N ALA A 63 -7.81 -22.41 -1.33
CA ALA A 63 -6.83 -21.69 -0.56
C ALA A 63 -6.37 -22.57 0.61
N LYS A 64 -7.33 -23.13 1.33
CA LYS A 64 -7.09 -24.04 2.44
C LYS A 64 -6.22 -25.20 2.01
N LYS A 65 -6.50 -25.82 0.86
CA LYS A 65 -5.75 -26.96 0.36
C LYS A 65 -4.33 -26.49 0.17
N ALA A 66 -4.15 -25.30 -0.40
CA ALA A 66 -2.83 -24.73 -0.59
C ALA A 66 -2.22 -24.27 0.73
N GLY A 67 -2.99 -24.30 1.82
CA GLY A 67 -2.51 -23.91 3.12
C GLY A 67 -2.32 -22.40 3.21
N VAL A 68 -2.81 -21.60 2.27
CA VAL A 68 -2.63 -20.17 2.31
C VAL A 68 -3.93 -19.54 2.78
N LYS A 69 -4.00 -18.33 3.32
CA LYS A 69 -5.31 -17.78 3.62
C LYS A 69 -5.54 -16.84 2.41
N LEU A 70 -6.64 -16.63 1.69
CA LEU A 70 -6.59 -15.72 0.55
C LEU A 70 -7.21 -14.41 1.01
N THR A 71 -6.47 -13.33 1.31
CA THR A 71 -7.14 -12.11 1.74
C THR A 71 -7.21 -11.13 0.59
N VAL A 72 -7.55 -9.86 0.74
CA VAL A 72 -7.61 -8.97 -0.41
C VAL A 72 -6.21 -8.53 -0.86
N LEU A 73 -5.18 -8.58 0.01
CA LEU A 73 -3.82 -8.18 -0.39
C LEU A 73 -3.29 -8.87 -1.66
N PRO A 74 -3.29 -10.18 -1.96
CA PRO A 74 -2.77 -10.73 -3.21
C PRO A 74 -3.50 -10.22 -4.42
N LEU A 75 -4.79 -9.95 -4.23
CA LEU A 75 -5.62 -9.42 -5.29
C LEU A 75 -5.24 -7.98 -5.65
N LEU A 76 -4.95 -7.19 -4.59
CA LEU A 76 -4.47 -5.80 -4.70
C LEU A 76 -3.08 -5.77 -5.34
N LEU A 77 -2.20 -6.64 -4.88
CA LEU A 77 -0.85 -6.85 -5.43
C LEU A 77 -0.88 -7.18 -6.92
N LYS A 78 -1.64 -8.18 -7.36
CA LYS A 78 -1.80 -8.49 -8.76
C LYS A 78 -2.35 -7.36 -9.61
N ALA A 79 -3.44 -6.70 -9.16
CA ALA A 79 -4.05 -5.60 -9.89
C ALA A 79 -3.06 -4.42 -9.96
N CYS A 80 -2.35 -4.07 -8.89
CA CYS A 80 -1.41 -2.98 -8.94
C CYS A 80 -0.27 -3.34 -9.86
N ALA A 81 0.21 -4.59 -9.83
CA ALA A 81 1.32 -4.98 -10.70
C ALA A 81 0.92 -4.85 -12.14
N TYR A 82 -0.32 -5.19 -12.48
CA TYR A 82 -0.80 -5.01 -13.83
C TYR A 82 -0.81 -3.52 -14.19
N LEU A 83 -1.27 -2.65 -13.32
CA LEU A 83 -1.29 -1.21 -13.62
C LEU A 83 0.07 -0.55 -13.64
N LEU A 84 1.05 -0.99 -12.85
CA LEU A 84 2.39 -0.41 -12.88
C LEU A 84 3.02 -0.64 -14.25
N LYS A 85 2.63 -1.71 -14.90
CA LYS A 85 3.12 -1.99 -16.25
C LYS A 85 2.33 -1.17 -17.25
N GLU A 86 1.04 -0.93 -17.06
CA GLU A 86 0.25 -0.13 -17.96
C GLU A 86 0.59 1.36 -17.84
N LEU A 87 0.91 1.88 -16.66
CA LEU A 87 1.13 3.31 -16.50
C LEU A 87 2.55 3.41 -15.91
N PRO A 88 3.60 3.27 -16.74
CA PRO A 88 4.98 3.16 -16.33
C PRO A 88 5.53 4.23 -15.42
N ASP A 89 4.99 5.45 -15.44
CA ASP A 89 5.50 6.49 -14.55
C ASP A 89 5.31 6.28 -13.07
N PHE A 90 4.35 5.43 -12.73
CA PHE A 90 4.17 5.07 -11.33
C PHE A 90 5.23 4.07 -10.91
N ASN A 91 5.83 3.41 -11.92
CA ASN A 91 6.83 2.40 -11.68
C ASN A 91 8.18 3.04 -11.93
N SER A 92 8.53 4.15 -11.29
CA SER A 92 9.77 4.82 -11.58
C SER A 92 10.22 5.57 -10.32
N SER A 93 11.44 6.13 -10.37
CA SER A 93 11.98 6.96 -9.32
C SER A 93 12.61 8.13 -9.99
N LEU A 94 12.67 9.26 -9.31
CA LEU A 94 13.35 10.45 -9.82
C LEU A 94 14.87 10.26 -9.69
N ALA A 95 15.61 10.51 -10.78
CA ALA A 95 17.06 10.35 -10.77
C ALA A 95 17.62 11.38 -9.80
N PRO A 96 18.73 11.17 -9.09
CA PRO A 96 19.32 12.13 -8.15
C PRO A 96 19.52 13.52 -8.71
N SER A 97 19.77 13.76 -10.00
CA SER A 97 19.79 15.12 -10.51
C SER A 97 18.46 15.85 -10.44
N GLY A 98 17.32 15.17 -10.36
CA GLY A 98 16.04 15.84 -10.45
C GLY A 98 15.75 16.14 -11.90
N GLN A 99 16.45 15.63 -12.92
CA GLN A 99 16.08 16.00 -14.28
C GLN A 99 15.76 14.83 -15.20
N ALA A 100 15.65 13.62 -14.67
CA ALA A 100 15.27 12.45 -15.44
C ALA A 100 14.56 11.51 -14.47
N LEU A 101 13.83 10.58 -15.04
CA LEU A 101 13.13 9.56 -14.32
C LEU A 101 13.83 8.25 -14.63
N ILE A 102 13.97 7.37 -13.68
CA ILE A 102 14.42 6.03 -13.95
C ILE A 102 13.20 5.11 -13.97
N ARG A 103 12.78 4.74 -15.16
CA ARG A 103 11.72 3.79 -15.35
C ARG A 103 12.17 2.38 -15.09
N LYS A 104 11.49 1.70 -14.20
CA LYS A 104 11.91 0.39 -13.80
C LYS A 104 11.17 -0.58 -14.69
N LYS A 105 11.86 -1.60 -15.18
CA LYS A 105 11.22 -2.57 -16.03
C LYS A 105 10.84 -3.79 -15.18
N TYR A 106 10.98 -3.80 -13.88
CA TYR A 106 10.58 -4.93 -13.07
C TYR A 106 9.43 -4.43 -12.20
N VAL A 107 8.70 -5.28 -11.49
CA VAL A 107 7.63 -4.83 -10.63
C VAL A 107 7.82 -5.55 -9.30
N HIS A 108 8.36 -4.89 -8.29
CA HIS A 108 8.50 -5.52 -6.99
C HIS A 108 7.62 -4.67 -6.07
N ILE A 109 6.80 -5.13 -5.12
CA ILE A 109 5.94 -4.24 -4.37
C ILE A 109 6.16 -4.50 -2.92
N GLY A 110 6.34 -3.49 -2.09
CA GLY A 110 6.43 -3.75 -0.67
C GLY A 110 5.06 -3.64 0.00
N PHE A 111 4.82 -4.17 1.19
CA PHE A 111 3.57 -3.94 1.87
C PHE A 111 3.95 -3.69 3.32
N ALA A 112 3.33 -2.72 3.98
CA ALA A 112 3.62 -2.37 5.35
C ALA A 112 3.09 -3.41 6.36
N VAL A 113 3.89 -3.74 7.36
CA VAL A 113 3.53 -4.65 8.42
C VAL A 113 3.87 -3.83 9.65
N ASP A 114 2.95 -3.64 10.59
CA ASP A 114 3.23 -2.86 11.78
C ASP A 114 3.51 -3.93 12.81
N THR A 115 4.74 -3.97 13.35
CA THR A 115 5.11 -4.97 14.33
C THR A 115 5.36 -4.20 15.64
N PRO A 116 5.49 -4.83 16.82
CA PRO A 116 5.55 -4.13 18.11
C PRO A 116 6.79 -3.26 18.23
N ASP A 117 7.84 -3.69 17.54
CA ASP A 117 9.05 -2.91 17.48
C ASP A 117 9.07 -1.81 16.45
N GLY A 118 8.11 -1.69 15.51
CA GLY A 118 8.16 -0.66 14.51
C GLY A 118 7.66 -1.20 13.18
N LEU A 119 7.65 -0.33 12.19
CA LEU A 119 7.10 -0.66 10.89
C LEU A 119 8.15 -1.31 10.01
N LEU A 120 7.81 -2.39 9.32
CA LEU A 120 8.71 -2.95 8.34
C LEU A 120 7.94 -2.99 7.05
N VAL A 121 8.59 -2.90 5.90
CA VAL A 121 7.88 -3.03 4.63
C VAL A 121 8.59 -4.12 3.78
N PRO A 122 8.37 -5.45 3.99
CA PRO A 122 8.88 -6.52 3.14
C PRO A 122 8.50 -6.36 1.68
N VAL A 123 9.36 -6.81 0.77
CA VAL A 123 9.15 -6.61 -0.64
C VAL A 123 8.84 -7.92 -1.34
N ILE A 124 7.87 -8.09 -2.23
CA ILE A 124 7.70 -9.29 -3.04
C ILE A 124 8.19 -8.88 -4.43
N ARG A 125 9.12 -9.70 -4.91
CA ARG A 125 9.77 -9.51 -6.18
C ARG A 125 8.92 -10.10 -7.29
N ASN A 126 8.86 -9.43 -8.45
CA ASN A 126 8.24 -9.90 -9.72
C ASN A 126 6.80 -10.32 -9.52
N VAL A 127 6.01 -9.42 -8.89
CA VAL A 127 4.61 -9.65 -8.50
C VAL A 127 3.82 -9.97 -9.76
N ASP A 128 4.21 -9.32 -10.85
CA ASP A 128 3.54 -9.56 -12.11
C ASP A 128 3.74 -10.96 -12.69
N GLN A 129 4.62 -11.73 -12.08
CA GLN A 129 4.87 -13.07 -12.50
C GLN A 129 4.25 -14.06 -11.53
N LYS A 130 3.67 -13.71 -10.38
CA LYS A 130 3.23 -14.76 -9.49
C LYS A 130 1.71 -14.83 -9.52
N SER A 131 1.15 -15.97 -9.16
CA SER A 131 -0.29 -16.20 -9.18
C SER A 131 -0.83 -15.75 -7.83
N LEU A 132 -2.16 -15.72 -7.69
CA LEU A 132 -2.77 -15.28 -6.44
C LEU A 132 -2.41 -16.13 -5.27
N LEU A 133 -2.26 -17.46 -5.45
CA LEU A 133 -1.92 -18.30 -4.29
C LEU A 133 -0.45 -18.26 -3.94
N GLN A 134 0.40 -18.00 -4.94
CA GLN A 134 1.83 -17.78 -4.69
C GLN A 134 2.01 -16.52 -3.87
N LEU A 135 1.37 -15.42 -4.28
CA LEU A 135 1.46 -14.17 -3.55
C LEU A 135 0.89 -14.31 -2.17
N ALA A 136 -0.21 -15.05 -2.01
CA ALA A 136 -0.80 -15.23 -0.69
C ALA A 136 0.16 -15.94 0.25
N ALA A 137 0.83 -16.98 -0.25
CA ALA A 137 1.82 -17.74 0.53
C ALA A 137 3.04 -16.92 0.97
N GLU A 138 3.53 -16.22 -0.03
CA GLU A 138 4.64 -15.30 0.14
C GLU A 138 4.36 -14.16 1.10
N ALA A 139 3.22 -13.48 0.96
CA ALA A 139 2.91 -12.36 1.81
C ALA A 139 2.83 -12.81 3.27
N ALA A 140 2.23 -13.96 3.51
CA ALA A 140 2.11 -14.49 4.86
C ALA A 140 3.47 -14.87 5.44
N GLU A 141 4.37 -15.44 4.63
CA GLU A 141 5.70 -15.85 5.05
C GLU A 141 6.50 -14.63 5.47
N LEU A 142 6.53 -13.62 4.59
CA LEU A 142 7.24 -12.39 4.86
C LEU A 142 6.68 -11.64 6.06
N ALA A 143 5.36 -11.65 6.25
CA ALA A 143 4.76 -10.99 7.39
C ALA A 143 5.17 -11.65 8.69
N GLU A 144 5.21 -12.99 8.69
CA GLU A 144 5.59 -13.72 9.90
C GLU A 144 7.07 -13.49 10.17
N LYS A 145 7.92 -13.50 9.14
CA LYS A 145 9.32 -13.19 9.32
C LYS A 145 9.51 -11.82 9.90
N ALA A 146 8.75 -10.82 9.42
CA ALA A 146 8.81 -9.45 9.89
C ALA A 146 8.48 -9.38 11.38
N ARG A 147 7.44 -10.08 11.81
CA ARG A 147 7.06 -10.15 13.22
C ARG A 147 8.07 -10.84 14.11
N SER A 148 8.64 -11.91 13.62
CA SER A 148 9.62 -12.68 14.34
C SER A 148 10.99 -12.04 14.31
N LYS A 149 11.15 -10.78 13.92
CA LYS A 149 12.45 -10.16 13.72
C LYS A 149 13.33 -11.00 12.81
N LYS A 150 12.83 -11.96 12.03
CA LYS A 150 13.72 -12.79 11.23
C LYS A 150 13.85 -12.38 9.76
N LEU A 151 13.43 -11.18 9.38
CA LEU A 151 13.41 -10.79 7.99
C LEU A 151 14.75 -10.20 7.59
N GLY A 152 15.32 -10.62 6.46
CA GLY A 152 16.63 -10.09 6.07
C GLY A 152 16.55 -8.73 5.40
N ALA A 153 17.39 -7.71 5.67
CA ALA A 153 17.32 -6.40 4.99
C ALA A 153 17.37 -6.46 3.47
N ASP A 154 17.93 -7.57 3.03
CA ASP A 154 17.85 -8.05 1.67
C ASP A 154 16.40 -7.92 1.15
N ALA A 155 15.44 -8.48 1.89
CA ALA A 155 14.00 -8.50 1.61
C ALA A 155 13.24 -7.20 1.87
N MET A 156 13.94 -6.10 2.16
CA MET A 156 13.31 -4.80 2.31
C MET A 156 13.91 -3.85 1.31
N GLN A 157 14.48 -4.40 0.24
CA GLN A 157 15.04 -3.57 -0.77
C GLN A 157 14.36 -3.84 -2.12
N GLY A 158 14.49 -2.80 -2.91
CA GLY A 158 14.17 -2.80 -4.29
C GLY A 158 12.72 -2.60 -4.68
N ALA A 159 11.79 -2.18 -3.81
CA ALA A 159 10.38 -2.00 -4.13
C ALA A 159 10.18 -0.89 -5.14
N CYS A 160 9.20 -1.09 -5.99
CA CYS A 160 8.80 -0.06 -6.91
C CYS A 160 7.64 0.75 -6.35
N PHE A 161 6.89 0.25 -5.36
CA PHE A 161 5.59 0.80 -4.99
C PHE A 161 5.24 0.11 -3.68
N THR A 162 4.38 0.68 -2.84
CA THR A 162 4.04 0.09 -1.56
C THR A 162 2.54 0.09 -1.42
N ILE A 163 2.00 -0.94 -0.76
CA ILE A 163 0.61 -0.99 -0.40
C ILE A 163 0.54 -0.97 1.13
N SER A 164 -0.29 -0.14 1.75
CA SER A 164 -0.38 -0.06 3.17
C SER A 164 -1.85 -0.36 3.48
N SER A 165 -2.19 -1.52 4.01
CA SER A 165 -3.57 -1.91 4.21
C SER A 165 -3.91 -1.85 5.69
N LEU A 166 -4.90 -1.03 6.03
CA LEU A 166 -5.41 -0.92 7.37
C LEU A 166 -6.80 -1.49 7.41
N GLY A 167 -7.32 -2.08 6.34
CA GLY A 167 -8.70 -2.51 6.30
C GLY A 167 -9.09 -3.50 7.38
N HIS A 168 -8.14 -4.30 7.80
CA HIS A 168 -8.41 -5.23 8.88
C HIS A 168 -8.68 -4.50 10.21
N ILE A 169 -8.30 -3.22 10.37
CA ILE A 169 -8.50 -2.53 11.63
C ILE A 169 -9.63 -1.54 11.51
N GLY A 170 -9.73 -0.68 10.50
CA GLY A 170 -10.85 0.23 10.47
C GLY A 170 -10.46 1.46 9.73
N GLY A 171 -11.37 2.43 9.69
CA GLY A 171 -11.13 3.67 9.00
C GLY A 171 -11.81 3.73 7.67
N THR A 172 -11.97 4.94 7.29
CA THR A 172 -12.67 5.32 6.08
C THR A 172 -11.67 5.70 4.96
N ALA A 173 -10.50 6.25 5.31
CA ALA A 173 -9.51 6.69 4.34
C ALA A 173 -8.35 7.23 5.18
N PHE A 174 -7.12 7.39 4.65
CA PHE A 174 -6.06 8.03 5.38
C PHE A 174 -5.12 8.63 4.33
N THR A 175 -4.09 9.40 4.70
CA THR A 175 -3.22 10.01 3.70
C THR A 175 -1.83 9.44 3.87
N PRO A 176 -1.47 8.27 3.32
CA PRO A 176 -0.15 7.65 3.60
C PRO A 176 1.02 8.51 3.09
N ILE A 177 2.19 8.37 3.71
CA ILE A 177 3.40 9.02 3.23
C ILE A 177 4.11 8.13 2.21
N VAL A 178 4.50 8.72 1.08
CA VAL A 178 5.26 8.04 0.03
C VAL A 178 6.58 7.58 0.60
N ASN A 179 6.96 6.35 0.29
CA ASN A 179 8.18 5.78 0.74
C ASN A 179 9.25 6.09 -0.31
N ALA A 180 9.77 7.32 -0.23
CA ALA A 180 10.71 7.82 -1.22
C ALA A 180 11.96 6.92 -1.26
N PRO A 181 12.65 6.50 -2.35
CA PRO A 181 12.55 7.09 -3.68
C PRO A 181 11.39 6.58 -4.56
N GLU A 182 10.46 5.82 -3.98
CA GLU A 182 9.26 5.42 -4.72
C GLU A 182 8.45 6.66 -5.03
N VAL A 183 7.54 6.60 -6.00
CA VAL A 183 6.78 7.80 -6.34
C VAL A 183 5.33 7.71 -5.88
N ALA A 184 4.79 6.58 -5.38
CA ALA A 184 3.39 6.50 -4.99
C ALA A 184 3.15 5.40 -3.96
N ILE A 185 2.10 5.46 -3.13
CA ILE A 185 1.83 4.38 -2.15
C ILE A 185 0.31 4.22 -2.13
N LEU A 186 -0.27 3.03 -2.00
CA LEU A 186 -1.71 2.87 -2.02
C LEU A 186 -2.10 2.56 -0.59
N GLY A 187 -2.92 3.39 0.07
CA GLY A 187 -3.52 3.06 1.34
C GLY A 187 -4.85 2.36 1.07
N VAL A 188 -5.20 1.36 1.85
CA VAL A 188 -6.43 0.62 1.71
C VAL A 188 -7.10 0.68 3.08
N SER A 189 -8.37 1.10 3.19
CA SER A 189 -9.02 1.10 4.49
C SER A 189 -10.16 0.08 4.54
N LYS A 190 -11.11 0.18 5.47
CA LYS A 190 -12.07 -0.88 5.68
C LYS A 190 -13.19 -0.86 4.66
N ALA A 191 -13.54 -2.00 4.06
CA ALA A 191 -14.64 -2.05 3.09
C ALA A 191 -15.95 -2.00 3.85
N SER A 192 -16.98 -1.34 3.31
CA SER A 192 -18.28 -1.37 3.92
C SER A 192 -19.30 -1.30 2.82
N MET A 193 -20.48 -1.75 3.17
CA MET A 193 -21.68 -1.74 2.33
C MET A 193 -22.18 -0.33 2.12
N GLN A 194 -22.32 0.14 0.88
CA GLN A 194 -22.72 1.51 0.57
C GLN A 194 -23.83 1.49 -0.47
N PRO A 195 -24.74 2.45 -0.54
CA PRO A 195 -25.73 2.53 -1.59
C PRO A 195 -25.13 3.20 -2.79
N VAL A 196 -25.19 2.53 -3.91
CA VAL A 196 -24.60 2.98 -5.14
C VAL A 196 -25.76 3.05 -6.14
N TRP A 197 -25.85 4.19 -6.82
CA TRP A 197 -26.91 4.43 -7.78
C TRP A 197 -26.73 3.59 -9.03
N ASP A 198 -27.73 2.82 -9.47
CA ASP A 198 -27.52 2.04 -10.68
C ASP A 198 -28.09 2.75 -11.88
N GLY A 199 -28.68 3.92 -11.68
CA GLY A 199 -29.28 4.64 -12.77
C GLY A 199 -30.73 4.85 -12.44
N LYS A 200 -31.24 4.12 -11.46
CA LYS A 200 -32.67 4.11 -11.19
C LYS A 200 -32.90 3.96 -9.70
N ALA A 201 -32.02 3.27 -8.96
CA ALA A 201 -32.16 3.07 -7.51
C ALA A 201 -30.78 2.80 -6.90
N PHE A 202 -30.69 2.89 -5.58
CA PHE A 202 -29.44 2.62 -4.90
C PHE A 202 -29.46 1.14 -4.60
N GLN A 203 -28.42 0.42 -5.01
CA GLN A 203 -28.21 -1.00 -4.71
C GLN A 203 -27.18 -1.08 -3.58
N PRO A 204 -27.16 -2.01 -2.61
CA PRO A 204 -26.01 -2.16 -1.71
C PRO A 204 -24.82 -2.80 -2.41
N ARG A 205 -23.64 -2.13 -2.47
CA ARG A 205 -22.41 -2.67 -3.05
C ARG A 205 -21.34 -2.62 -1.99
N LEU A 206 -20.44 -3.63 -1.92
CA LEU A 206 -19.36 -3.57 -0.93
C LEU A 206 -18.26 -2.70 -1.50
N MET A 207 -17.98 -1.54 -0.90
CA MET A 207 -17.02 -0.59 -1.45
C MET A 207 -15.74 -0.55 -0.65
N LEU A 208 -14.59 -0.58 -1.32
CA LEU A 208 -13.27 -0.59 -0.69
C LEU A 208 -12.70 0.81 -0.82
N PRO A 209 -12.37 1.55 0.24
CA PRO A 209 -11.79 2.90 0.15
C PRO A 209 -10.31 2.85 -0.23
N LEU A 210 -9.88 3.58 -1.27
CA LEU A 210 -8.50 3.54 -1.69
C LEU A 210 -7.95 4.96 -1.52
N SER A 211 -6.68 5.13 -1.11
CA SER A 211 -6.09 6.44 -0.89
C SER A 211 -4.74 6.39 -1.51
N LEU A 212 -4.53 6.97 -2.66
CA LEU A 212 -3.23 6.93 -3.30
C LEU A 212 -2.43 8.20 -3.04
N SER A 213 -1.31 8.20 -2.31
CA SER A 213 -0.50 9.38 -2.19
C SER A 213 0.56 9.27 -3.26
N TYR A 214 0.87 10.39 -3.89
CA TYR A 214 1.89 10.40 -4.90
C TYR A 214 2.74 11.66 -4.79
N ASP A 215 3.92 11.51 -5.36
CA ASP A 215 4.90 12.58 -5.49
C ASP A 215 4.49 13.42 -6.69
N HIS A 216 4.00 14.64 -6.44
CA HIS A 216 3.51 15.46 -7.54
C HIS A 216 4.60 16.03 -8.46
N ARG A 217 5.88 15.91 -8.10
CA ARG A 217 6.98 16.29 -8.97
C ARG A 217 6.99 15.34 -10.17
N VAL A 218 6.63 14.08 -10.01
CA VAL A 218 6.64 13.10 -11.08
C VAL A 218 5.22 12.88 -11.56
N ILE A 219 4.18 12.90 -10.72
CA ILE A 219 2.85 12.55 -11.19
C ILE A 219 1.91 13.68 -10.96
N ASN A 220 1.20 14.04 -12.02
CA ASN A 220 0.21 15.09 -11.95
C ASN A 220 -1.14 14.51 -11.59
N GLY A 221 -2.02 15.43 -11.30
CA GLY A 221 -3.36 15.12 -10.84
C GLY A 221 -4.16 14.18 -11.74
N ALA A 222 -4.18 14.43 -13.08
CA ALA A 222 -4.93 13.62 -14.03
C ALA A 222 -4.36 12.21 -14.14
N ALA A 223 -3.07 12.03 -14.00
CA ALA A 223 -2.47 10.72 -14.05
C ALA A 223 -2.87 9.90 -12.84
N ALA A 224 -2.82 10.53 -11.67
CA ALA A 224 -3.15 9.88 -10.42
C ALA A 224 -4.62 9.52 -10.36
N ALA A 225 -5.53 10.39 -10.83
CA ALA A 225 -6.97 10.12 -10.84
C ALA A 225 -7.23 9.02 -11.88
N ARG A 226 -6.45 8.93 -12.96
CA ARG A 226 -6.61 7.87 -13.94
C ARG A 226 -6.13 6.54 -13.34
N PHE A 227 -5.04 6.52 -12.55
CA PHE A 227 -4.58 5.33 -11.89
C PHE A 227 -5.63 4.87 -10.91
N THR A 228 -6.24 5.66 -10.03
CA THR A 228 -7.17 5.06 -9.11
C THR A 228 -8.44 4.66 -9.82
N LYS A 229 -8.86 5.32 -10.90
CA LYS A 229 -10.08 4.94 -11.60
C LYS A 229 -9.86 3.57 -12.23
N ARG A 230 -8.72 3.38 -12.91
CA ARG A 230 -8.39 2.12 -13.55
C ARG A 230 -8.28 1.08 -12.47
N LEU A 231 -7.64 1.31 -11.33
CA LEU A 231 -7.58 0.32 -10.26
C LEU A 231 -8.99 -0.02 -9.82
N GLY A 232 -9.92 0.91 -9.61
CA GLY A 232 -11.28 0.57 -9.19
C GLY A 232 -11.95 -0.29 -10.25
N ASP A 233 -11.72 -0.05 -11.54
CA ASP A 233 -12.25 -0.89 -12.59
C ASP A 233 -11.73 -2.31 -12.58
N LEU A 234 -10.43 -2.48 -12.41
CA LEU A 234 -9.86 -3.80 -12.37
C LEU A 234 -10.40 -4.52 -11.18
N LEU A 235 -10.53 -3.87 -10.02
CA LEU A 235 -11.05 -4.55 -8.86
C LEU A 235 -12.55 -4.86 -9.02
N ALA A 236 -13.30 -4.07 -9.80
CA ALA A 236 -14.68 -4.31 -10.03
C ALA A 236 -14.75 -5.51 -10.96
N ASP A 237 -13.82 -5.82 -11.86
CA ASP A 237 -13.87 -7.06 -12.61
C ASP A 237 -12.46 -7.42 -13.04
N ILE A 238 -11.91 -8.28 -12.23
CA ILE A 238 -10.51 -8.64 -12.34
C ILE A 238 -10.25 -9.57 -13.51
N ARG A 239 -11.27 -10.05 -14.21
CA ARG A 239 -11.06 -10.85 -15.41
C ARG A 239 -10.42 -9.93 -16.43
N ALA A 240 -10.49 -8.59 -16.29
CA ALA A 240 -9.86 -7.70 -17.24
C ALA A 240 -8.34 -7.81 -17.23
N ILE A 241 -7.76 -8.37 -16.18
CA ILE A 241 -6.32 -8.62 -16.09
C ILE A 241 -5.86 -9.66 -17.12
N LEU A 242 -6.81 -10.44 -17.66
CA LEU A 242 -6.57 -11.48 -18.60
C LEU A 242 -6.47 -10.99 -20.02
N LEU A 243 -6.85 -9.75 -20.41
CA LEU A 243 -6.76 -9.57 -21.82
C LEU A 243 -5.53 -9.01 -22.46
#